data_1YT1
#
_entry.id   1YT1
#
_cell.length_a   65.096
_cell.length_b   84.563
_cell.length_c   94.999
_cell.angle_alpha   90.00
_cell.angle_beta   90.00
_cell.angle_gamma   90.00
#
_symmetry.space_group_name_H-M   'P 21 21 21'
#
loop_
_entity.id
_entity.type
_entity.pdbx_description
1 polymer Endoplasmin
2 non-polymer 'TETRAETHYLENE GLYCOL'
3 non-polymer 'PENTAETHYLENE GLYCOL'
4 water water
#
_entity_poly.entity_id   1
_entity_poly.type   'polypeptide(L)'
_entity_poly.pdbx_seq_one_letter_code
;GSHMLREKSEKFAFQAEVNRMMKLIINSLYKNKEIFLRELISNASDALDKIRLISLTDENALAGNEELTVKIKCDKEKNL
LHVTDTGVGMTREELVKNLGTIAKSGTSEFLNKMTEAQEDGQSTSELIGQFGVGFYSAFLVADKVIVTSKHNNDTQHIWE
SDSNEFSVIADPRGNTLGRGTTITLVLKEEASDYLELDTIKNLVKKYSQFINFPIYVWSSKTGGGGKTVWDWELMN
;
_entity_poly.pdbx_strand_id   A,B
#
# COMPACT_ATOMS: atom_id res chain seq x y z
N GLY A 1 -8.00 -18.48 -26.36
CA GLY A 1 -7.36 -17.25 -26.89
C GLY A 1 -6.23 -16.78 -26.00
N SER A 2 -5.62 -15.66 -26.36
CA SER A 2 -4.52 -15.10 -25.58
C SER A 2 -4.85 -13.67 -25.14
N HIS A 3 -6.05 -13.22 -25.50
CA HIS A 3 -6.50 -11.87 -25.17
C HIS A 3 -6.61 -11.58 -23.68
N MET A 4 -6.88 -12.62 -22.88
CA MET A 4 -7.01 -12.41 -21.43
C MET A 4 -5.69 -12.10 -20.74
N LEU A 5 -4.71 -12.98 -20.93
CA LEU A 5 -3.39 -12.79 -20.32
C LEU A 5 -2.63 -11.66 -21.01
N ARG A 6 -3.08 -11.27 -22.19
CA ARG A 6 -2.44 -10.20 -22.96
C ARG A 6 -3.04 -8.82 -22.68
N GLU A 7 -4.09 -8.80 -21.85
CA GLU A 7 -4.75 -7.56 -21.48
C GLU A 7 -4.71 -7.35 -19.96
N LYS A 8 -4.03 -8.26 -19.27
CA LYS A 8 -3.88 -8.21 -17.82
C LYS A 8 -5.22 -8.11 -17.09
N SER A 9 -6.27 -8.63 -17.71
CA SER A 9 -7.61 -8.60 -17.13
C SER A 9 -7.73 -9.42 -15.85
N GLU A 10 -6.61 -9.95 -15.39
CA GLU A 10 -6.56 -10.75 -14.18
C GLU A 10 -5.91 -9.95 -13.05
N LYS A 11 -5.47 -8.73 -13.37
CA LYS A 11 -4.82 -7.88 -12.40
C LYS A 11 -5.80 -6.89 -11.78
N PHE A 12 -5.70 -6.72 -10.46
CA PHE A 12 -6.60 -5.80 -9.74
C PHE A 12 -5.84 -5.01 -8.67
N ALA A 13 -6.39 -3.84 -8.35
CA ALA A 13 -5.83 -2.98 -7.31
C ALA A 13 -6.78 -3.10 -6.13
N PHE A 14 -6.27 -2.97 -4.92
CA PHE A 14 -7.14 -3.04 -3.74
C PHE A 14 -7.92 -1.73 -3.61
N GLN A 15 -9.07 -1.80 -2.95
CA GLN A 15 -9.87 -0.61 -2.70
C GLN A 15 -9.08 0.17 -1.64
N ALA A 16 -9.10 1.49 -1.71
CA ALA A 16 -8.37 2.32 -0.75
C ALA A 16 -8.58 1.88 0.70
N GLU A 17 -9.83 1.68 1.08
CA GLU A 17 -10.15 1.28 2.44
C GLU A 17 -9.45 -0.02 2.83
N VAL A 18 -9.34 -0.95 1.89
CA VAL A 18 -8.67 -2.19 2.20
C VAL A 18 -7.18 -1.94 2.44
N ASN A 19 -6.58 -1.02 1.67
CA ASN A 19 -5.16 -0.71 1.88
C ASN A 19 -4.95 -0.15 3.29
N ARG A 20 -5.81 0.79 3.68
CA ARG A 20 -5.73 1.40 4.99
C ARG A 20 -5.97 0.38 6.09
N MET A 21 -6.88 -0.56 5.82
CA MET A 21 -7.20 -1.58 6.80
C MET A 21 -6.01 -2.51 7.01
N MET A 22 -5.36 -2.91 5.93
CA MET A 22 -4.21 -3.80 6.04
C MET A 22 -3.13 -3.16 6.91
N LYS A 23 -2.89 -1.87 6.71
CA LYS A 23 -1.86 -1.17 7.48
C LYS A 23 -2.19 -1.16 8.96
N LEU A 24 -3.41 -0.76 9.29
CA LEU A 24 -3.84 -0.73 10.69
C LEU A 24 -3.65 -2.09 11.36
N ILE A 25 -4.07 -3.15 10.68
CA ILE A 25 -3.94 -4.49 11.23
C ILE A 25 -2.47 -4.83 11.45
N ILE A 26 -1.66 -4.64 10.41
CA ILE A 26 -0.23 -4.93 10.50
C ILE A 26 0.46 -4.13 11.59
N ASN A 27 0.10 -2.85 11.72
CA ASN A 27 0.72 -2.01 12.74
C ASN A 27 0.21 -2.30 14.14
N SER A 28 -1.05 -2.67 14.25
CA SER A 28 -1.66 -2.97 15.54
C SER A 28 -1.18 -4.26 16.20
N LEU A 29 -1.25 -5.37 15.45
CA LEU A 29 -0.88 -6.68 15.98
C LEU A 29 0.58 -7.06 15.77
N TYR A 30 1.43 -6.07 15.53
CA TYR A 30 2.86 -6.31 15.32
C TYR A 30 3.49 -7.09 16.47
N LYS A 31 2.91 -6.99 17.66
CA LYS A 31 3.44 -7.67 18.84
C LYS A 31 2.79 -9.03 19.10
N ASN A 32 1.64 -9.30 18.47
CA ASN A 32 0.96 -10.58 18.64
C ASN A 32 0.62 -11.16 17.27
N LYS A 33 1.65 -11.47 16.50
CA LYS A 33 1.49 -12.00 15.15
C LYS A 33 0.82 -13.37 15.04
N GLU A 34 1.00 -14.20 16.07
N GLU A 34 1.01 -14.20 16.06
CA GLU A 34 0.43 -15.55 16.07
CA GLU A 34 0.44 -15.54 16.07
C GLU A 34 -1.09 -15.61 15.89
C GLU A 34 -1.08 -15.61 15.89
N ILE A 35 -1.77 -14.50 16.08
CA ILE A 35 -3.22 -14.48 15.94
C ILE A 35 -3.70 -14.71 14.50
N PHE A 36 -2.80 -14.55 13.54
CA PHE A 36 -3.18 -14.75 12.15
C PHE A 36 -3.74 -16.16 11.99
N LEU A 37 -3.12 -17.12 12.65
CA LEU A 37 -3.58 -18.50 12.56
C LEU A 37 -4.97 -18.64 13.15
N ARG A 38 -5.23 -17.92 14.23
CA ARG A 38 -6.54 -17.96 14.87
C ARG A 38 -7.61 -17.50 13.89
N GLU A 39 -7.32 -16.39 13.20
CA GLU A 39 -8.25 -15.81 12.24
C GLU A 39 -8.52 -16.69 11.04
N LEU A 40 -7.48 -17.34 10.52
CA LEU A 40 -7.66 -18.22 9.37
C LEU A 40 -8.53 -19.40 9.76
N ILE A 41 -8.29 -19.95 10.94
CA ILE A 41 -9.08 -21.06 11.41
C ILE A 41 -10.54 -20.61 11.61
N SER A 42 -10.74 -19.40 12.11
N SER A 42 -10.75 -19.39 12.13
CA SER A 42 -12.07 -18.84 12.33
CA SER A 42 -12.09 -18.86 12.34
C SER A 42 -12.80 -18.67 11.01
C SER A 42 -12.80 -18.67 11.00
N ASN A 43 -12.09 -18.11 10.02
CA ASN A 43 -12.67 -17.90 8.71
C ASN A 43 -13.01 -19.28 8.13
N ALA A 44 -12.14 -20.25 8.37
CA ALA A 44 -12.35 -21.59 7.87
C ALA A 44 -13.65 -22.13 8.46
N SER A 45 -13.80 -21.99 9.78
CA SER A 45 -14.98 -22.44 10.50
C SER A 45 -16.24 -21.80 9.91
N ASP A 46 -16.19 -20.50 9.67
CA ASP A 46 -17.33 -19.77 9.11
C ASP A 46 -17.70 -20.32 7.73
N ALA A 47 -16.69 -20.58 6.91
CA ALA A 47 -16.89 -21.12 5.58
C ALA A 47 -17.63 -22.45 5.69
N LEU A 48 -17.27 -23.25 6.69
CA LEU A 48 -17.90 -24.54 6.90
C LEU A 48 -19.36 -24.38 7.36
N ASP A 49 -19.61 -23.42 8.27
CA ASP A 49 -20.96 -23.18 8.74
C ASP A 49 -21.84 -22.86 7.52
N LYS A 50 -21.31 -22.03 6.64
CA LYS A 50 -22.04 -21.62 5.44
C LYS A 50 -22.47 -22.78 4.54
N ILE A 51 -21.58 -23.73 4.27
CA ILE A 51 -21.96 -24.83 3.41
C ILE A 51 -22.87 -25.79 4.16
N ARG A 52 -22.67 -25.90 5.48
CA ARG A 52 -23.52 -26.78 6.27
C ARG A 52 -24.95 -26.24 6.22
N LEU A 53 -25.08 -24.92 6.27
CA LEU A 53 -26.39 -24.27 6.21
C LEU A 53 -27.01 -24.55 4.83
N ILE A 54 -26.22 -24.32 3.79
CA ILE A 54 -26.69 -24.53 2.44
C ILE A 54 -27.11 -25.99 2.22
N SER A 55 -26.42 -26.92 2.87
CA SER A 55 -26.76 -28.32 2.70
C SER A 55 -28.12 -28.63 3.31
N LEU A 56 -28.62 -27.74 4.16
CA LEU A 56 -29.93 -27.95 4.78
C LEU A 56 -31.02 -27.90 3.73
N THR A 57 -30.88 -26.95 2.82
CA THR A 57 -31.87 -26.72 1.77
C THR A 57 -31.47 -27.18 0.36
N ASP A 58 -30.20 -27.52 0.17
CA ASP A 58 -29.72 -27.95 -1.13
C ASP A 58 -29.12 -29.35 -1.01
N GLU A 59 -29.85 -30.35 -1.51
CA GLU A 59 -29.41 -31.75 -1.43
C GLU A 59 -28.08 -32.04 -2.12
N ASN A 60 -27.66 -31.15 -3.02
CA ASN A 60 -26.41 -31.37 -3.74
C ASN A 60 -25.28 -30.46 -3.29
N ALA A 61 -25.48 -29.77 -2.18
CA ALA A 61 -24.47 -28.85 -1.67
C ALA A 61 -23.10 -29.50 -1.44
N LEU A 62 -23.08 -30.73 -0.96
CA LEU A 62 -21.81 -31.40 -0.69
C LEU A 62 -21.30 -32.36 -1.76
N ALA A 63 -21.88 -32.30 -2.96
CA ALA A 63 -21.47 -33.17 -4.05
C ALA A 63 -19.98 -33.15 -4.38
N GLY A 64 -19.38 -31.96 -4.35
CA GLY A 64 -17.97 -31.84 -4.68
C GLY A 64 -16.97 -32.30 -3.64
N ASN A 65 -17.43 -32.55 -2.42
CA ASN A 65 -16.54 -32.98 -1.34
C ASN A 65 -17.39 -33.25 -0.11
N GLU A 66 -17.53 -34.53 0.23
CA GLU A 66 -18.36 -34.95 1.35
C GLU A 66 -17.92 -34.60 2.78
N GLU A 67 -16.67 -34.19 2.98
CA GLU A 67 -16.23 -33.88 4.34
C GLU A 67 -16.34 -32.40 4.71
N LEU A 68 -16.34 -32.15 6.02
CA LEU A 68 -16.41 -30.80 6.56
C LEU A 68 -15.25 -30.70 7.54
N THR A 69 -14.07 -30.37 7.02
CA THR A 69 -12.88 -30.30 7.85
C THR A 69 -11.97 -29.12 7.55
N VAL A 70 -10.97 -28.97 8.41
CA VAL A 70 -9.95 -27.94 8.29
C VAL A 70 -8.64 -28.72 8.43
N LYS A 71 -7.80 -28.66 7.40
CA LYS A 71 -6.53 -29.36 7.40
C LYS A 71 -5.38 -28.41 7.21
N ILE A 72 -4.42 -28.46 8.11
N ILE A 72 -4.41 -28.48 8.12
CA ILE A 72 -3.26 -27.57 8.06
CA ILE A 72 -3.24 -27.60 8.08
C ILE A 72 -1.97 -28.36 7.73
C ILE A 72 -1.99 -28.40 7.70
N LYS A 73 -1.21 -27.86 6.76
CA LYS A 73 0.01 -28.53 6.33
C LYS A 73 1.21 -27.60 6.29
N CYS A 74 2.33 -28.09 6.78
CA CYS A 74 3.54 -27.30 6.76
C CYS A 74 4.47 -27.83 5.67
N ASP A 75 4.96 -26.93 4.83
CA ASP A 75 5.90 -27.32 3.79
C ASP A 75 7.14 -26.49 4.08
N LYS A 76 8.01 -27.01 4.95
CA LYS A 76 9.24 -26.34 5.33
C LYS A 76 10.13 -26.04 4.12
N GLU A 77 10.41 -27.06 3.33
CA GLU A 77 11.26 -26.88 2.15
C GLU A 77 10.76 -25.72 1.29
N LYS A 78 9.47 -25.75 0.96
CA LYS A 78 8.84 -24.69 0.14
C LYS A 78 8.60 -23.39 0.89
N ASN A 79 8.73 -23.43 2.22
CA ASN A 79 8.49 -22.25 3.05
C ASN A 79 7.02 -21.86 2.93
N LEU A 80 6.15 -22.87 2.93
CA LEU A 80 4.72 -22.62 2.81
C LEU A 80 3.86 -23.19 3.92
N LEU A 81 2.84 -22.43 4.31
CA LEU A 81 1.89 -22.84 5.32
C LEU A 81 0.56 -22.89 4.60
N HIS A 82 -0.13 -24.03 4.69
CA HIS A 82 -1.42 -24.23 4.03
C HIS A 82 -2.54 -24.46 5.05
N VAL A 83 -3.65 -23.76 4.87
CA VAL A 83 -4.81 -23.94 5.74
C VAL A 83 -5.98 -24.19 4.78
N THR A 84 -6.44 -25.43 4.74
CA THR A 84 -7.50 -25.81 3.83
C THR A 84 -8.80 -26.24 4.51
N ASP A 85 -9.90 -25.63 4.10
CA ASP A 85 -11.21 -25.99 4.64
C ASP A 85 -12.02 -26.50 3.47
N THR A 86 -13.06 -27.27 3.79
CA THR A 86 -13.96 -27.80 2.78
C THR A 86 -15.27 -27.05 2.90
N GLY A 87 -15.17 -25.74 3.14
CA GLY A 87 -16.35 -24.90 3.28
C GLY A 87 -17.04 -24.56 1.98
N VAL A 88 -17.86 -23.51 2.02
CA VAL A 88 -18.62 -23.07 0.85
C VAL A 88 -17.74 -22.69 -0.35
N GLY A 89 -16.51 -22.27 -0.09
CA GLY A 89 -15.64 -21.87 -1.18
C GLY A 89 -16.02 -20.50 -1.68
N MET A 90 -15.34 -20.03 -2.73
CA MET A 90 -15.62 -18.72 -3.30
C MET A 90 -15.53 -18.75 -4.83
N THR A 91 -16.45 -18.05 -5.49
CA THR A 91 -16.42 -17.98 -6.94
C THR A 91 -15.39 -16.93 -7.31
N ARG A 92 -15.04 -16.85 -8.59
CA ARG A 92 -14.06 -15.88 -9.05
C ARG A 92 -14.51 -14.48 -8.61
N GLU A 93 -15.77 -14.17 -8.88
CA GLU A 93 -16.32 -12.86 -8.51
C GLU A 93 -16.21 -12.62 -7.01
N GLU A 94 -16.40 -13.66 -6.21
CA GLU A 94 -16.30 -13.52 -4.75
C GLU A 94 -14.86 -13.30 -4.30
N LEU A 95 -13.90 -13.93 -4.96
CA LEU A 95 -12.50 -13.73 -4.58
C LEU A 95 -12.14 -12.26 -4.81
N VAL A 96 -12.50 -11.74 -5.98
CA VAL A 96 -12.21 -10.35 -6.32
C VAL A 96 -12.87 -9.33 -5.38
N LYS A 97 -14.17 -9.48 -5.18
CA LYS A 97 -14.94 -8.58 -4.33
C LYS A 97 -14.75 -8.74 -2.81
N ASN A 98 -14.78 -9.98 -2.33
CA ASN A 98 -14.65 -10.22 -0.89
C ASN A 98 -13.25 -9.96 -0.34
N LEU A 99 -12.24 -10.14 -1.18
CA LEU A 99 -10.87 -9.93 -0.72
C LEU A 99 -10.29 -8.60 -1.15
N GLY A 100 -10.79 -8.05 -2.27
CA GLY A 100 -10.27 -6.79 -2.77
C GLY A 100 -11.02 -5.53 -2.36
N THR A 101 -12.21 -5.70 -1.79
CA THR A 101 -13.01 -4.56 -1.36
C THR A 101 -13.58 -4.81 0.04
N ILE A 102 -14.21 -3.78 0.61
CA ILE A 102 -14.78 -3.90 1.93
C ILE A 102 -16.11 -3.16 2.00
N GLY A 106 -20.01 -0.78 7.95
CA GLY A 106 -19.43 -0.01 9.04
C GLY A 106 -17.92 0.07 8.96
N THR A 107 -17.40 0.12 7.73
CA THR A 107 -15.96 0.20 7.49
C THR A 107 -15.35 1.50 8.01
N SER A 108 -16.03 2.62 7.75
CA SER A 108 -15.56 3.93 8.18
C SER A 108 -15.42 3.94 9.70
N GLU A 109 -16.49 3.55 10.38
CA GLU A 109 -16.52 3.50 11.83
C GLU A 109 -15.40 2.59 12.33
N PHE A 110 -15.27 1.43 11.71
CA PHE A 110 -14.24 0.48 12.07
C PHE A 110 -12.87 1.12 11.88
N LEU A 111 -12.73 1.90 10.81
CA LEU A 111 -11.49 2.59 10.51
C LEU A 111 -11.14 3.52 11.68
N ASN A 112 -12.08 4.39 12.03
CA ASN A 112 -11.88 5.32 13.13
C ASN A 112 -11.72 4.53 14.42
N LYS A 113 -12.49 3.44 14.54
CA LYS A 113 -12.43 2.59 15.71
C LYS A 113 -11.05 1.97 15.86
N MET A 114 -10.50 1.47 14.76
CA MET A 114 -9.18 0.86 14.76
C MET A 114 -8.08 1.86 15.10
N THR A 115 -8.20 3.07 14.55
CA THR A 115 -7.23 4.12 14.80
C THR A 115 -7.30 4.52 16.27
N GLU A 116 -8.50 4.81 16.75
CA GLU A 116 -8.70 5.20 18.14
C GLU A 116 -8.40 4.03 19.07
N ALA A 117 -8.27 2.85 18.49
CA ALA A 117 -7.96 1.64 19.26
C ALA A 117 -6.44 1.52 19.42
N GLN A 118 -5.73 2.42 18.73
CA GLN A 118 -4.27 2.44 18.77
C GLN A 118 -3.81 3.86 19.08
N GLU A 119 -4.09 4.31 20.29
CA GLU A 119 -3.72 5.66 20.73
C GLU A 119 -3.11 5.62 22.12
N GLN A 122 -5.47 0.86 22.84
CA GLN A 122 -5.75 -0.33 23.65
C GLN A 122 -5.37 -1.61 22.90
N SER A 123 -6.36 -2.23 22.26
CA SER A 123 -6.12 -3.46 21.49
C SER A 123 -7.04 -3.53 20.28
N THR A 124 -6.59 -4.27 19.25
CA THR A 124 -7.34 -4.41 18.02
C THR A 124 -7.66 -5.88 17.75
N SER A 125 -7.04 -6.77 18.53
CA SER A 125 -7.23 -8.21 18.38
C SER A 125 -8.68 -8.67 18.30
N GLU A 126 -9.52 -8.16 19.21
CA GLU A 126 -10.92 -8.55 19.22
C GLU A 126 -11.72 -7.84 18.12
N LEU A 127 -11.40 -6.56 17.91
CA LEU A 127 -12.08 -5.75 16.90
C LEU A 127 -11.97 -6.36 15.50
N ILE A 128 -10.79 -6.86 15.18
CA ILE A 128 -10.57 -7.46 13.87
C ILE A 128 -11.47 -8.67 13.68
N GLY A 129 -11.52 -9.53 14.69
CA GLY A 129 -12.36 -10.70 14.61
C GLY A 129 -13.81 -10.29 14.45
N GLN A 130 -14.21 -9.28 15.21
CA GLN A 130 -15.58 -8.78 15.18
C GLN A 130 -16.02 -8.25 13.81
N PHE A 131 -15.19 -7.42 13.19
CA PHE A 131 -15.53 -6.85 11.89
C PHE A 131 -15.28 -7.84 10.76
N GLY A 132 -14.72 -9.00 11.10
CA GLY A 132 -14.45 -10.02 10.09
C GLY A 132 -13.40 -9.69 9.04
N VAL A 133 -12.29 -9.08 9.46
CA VAL A 133 -11.23 -8.75 8.52
C VAL A 133 -9.92 -9.41 8.94
N GLY A 134 -10.03 -10.47 9.74
CA GLY A 134 -8.87 -11.19 10.21
C GLY A 134 -8.00 -11.76 9.11
N PHE A 135 -8.60 -12.02 7.96
CA PHE A 135 -7.86 -12.56 6.82
C PHE A 135 -6.57 -11.79 6.58
N TYR A 136 -6.68 -10.47 6.56
CA TYR A 136 -5.55 -9.59 6.30
C TYR A 136 -4.41 -9.68 7.32
N SER A 137 -4.65 -10.29 8.47
CA SER A 137 -3.61 -10.43 9.47
C SER A 137 -2.57 -11.44 8.97
N ALA A 138 -2.91 -12.16 7.89
CA ALA A 138 -2.00 -13.13 7.32
C ALA A 138 -0.72 -12.43 6.85
N PHE A 139 -0.85 -11.16 6.47
CA PHE A 139 0.31 -10.39 6.02
C PHE A 139 1.31 -10.05 7.13
N LEU A 140 0.96 -10.33 8.37
CA LEU A 140 1.86 -10.10 9.50
C LEU A 140 3.04 -11.05 9.43
N VAL A 141 2.80 -12.26 8.94
CA VAL A 141 3.85 -13.27 8.84
C VAL A 141 4.16 -13.74 7.42
N ALA A 142 3.42 -13.24 6.43
CA ALA A 142 3.66 -13.68 5.06
C ALA A 142 3.95 -12.55 4.07
N ASP A 143 4.85 -12.82 3.14
CA ASP A 143 5.21 -11.86 2.10
C ASP A 143 4.21 -11.98 0.96
N LYS A 144 3.66 -13.18 0.80
CA LYS A 144 2.68 -13.46 -0.25
C LYS A 144 1.55 -14.30 0.34
N VAL A 145 0.32 -13.96 -0.01
CA VAL A 145 -0.84 -14.70 0.45
C VAL A 145 -1.56 -15.21 -0.80
N ILE A 146 -1.80 -16.52 -0.82
CA ILE A 146 -2.46 -17.14 -1.95
C ILE A 146 -3.75 -17.81 -1.48
N VAL A 147 -4.80 -17.64 -2.26
CA VAL A 147 -6.09 -18.24 -1.93
C VAL A 147 -6.63 -19.02 -3.13
N THR A 148 -6.64 -20.35 -2.98
CA THR A 148 -7.15 -21.24 -4.03
C THR A 148 -8.55 -21.62 -3.56
N SER A 149 -9.56 -21.36 -4.38
CA SER A 149 -10.91 -21.67 -3.95
C SER A 149 -11.81 -22.30 -5.01
N LYS A 150 -12.65 -23.24 -4.58
CA LYS A 150 -13.59 -23.90 -5.49
C LYS A 150 -15.00 -23.81 -4.90
N HIS A 151 -15.87 -23.10 -5.59
CA HIS A 151 -17.26 -22.92 -5.16
C HIS A 151 -18.13 -23.77 -6.08
N ASN A 152 -19.25 -24.27 -5.55
CA ASN A 152 -20.14 -25.10 -6.36
C ASN A 152 -20.60 -24.41 -7.64
N ASN A 153 -20.78 -23.10 -7.60
CA ASN A 153 -21.23 -22.35 -8.78
C ASN A 153 -20.12 -21.87 -9.72
N ASP A 154 -18.90 -22.35 -9.54
CA ASP A 154 -17.82 -21.89 -10.42
C ASP A 154 -16.68 -22.89 -10.48
N THR A 155 -15.72 -22.63 -11.36
CA THR A 155 -14.56 -23.48 -11.49
C THR A 155 -13.54 -22.99 -10.47
N GLN A 156 -12.52 -23.80 -10.20
CA GLN A 156 -11.48 -23.44 -9.23
C GLN A 156 -10.65 -22.25 -9.74
N HIS A 157 -10.40 -21.29 -8.85
CA HIS A 157 -9.63 -20.09 -9.17
C HIS A 157 -8.56 -19.82 -8.11
N ILE A 158 -7.58 -18.99 -8.47
CA ILE A 158 -6.50 -18.63 -7.57
C ILE A 158 -6.36 -17.12 -7.46
N TRP A 159 -6.34 -16.65 -6.22
CA TRP A 159 -6.16 -15.23 -5.90
C TRP A 159 -4.79 -15.19 -5.24
N GLU A 160 -3.96 -14.24 -5.65
CA GLU A 160 -2.62 -14.10 -5.08
C GLU A 160 -2.32 -12.63 -4.83
N SER A 161 -1.52 -12.35 -3.80
CA SER A 161 -1.21 -10.98 -3.47
C SER A 161 -0.01 -10.78 -2.53
N ASP A 162 0.78 -9.74 -2.79
CA ASP A 162 1.92 -9.40 -1.95
C ASP A 162 1.50 -8.12 -1.21
N SER A 163 0.19 -7.83 -1.27
CA SER A 163 -0.47 -6.67 -0.65
C SER A 163 -0.43 -5.38 -1.48
N ASN A 164 0.40 -5.36 -2.52
CA ASN A 164 0.51 -4.17 -3.35
C ASN A 164 -0.40 -4.19 -4.56
N GLU A 165 -1.14 -5.29 -4.69
CA GLU A 165 -2.08 -5.51 -5.79
C GLU A 165 -2.46 -6.98 -5.66
N PHE A 166 -3.40 -7.42 -6.49
CA PHE A 166 -3.76 -8.83 -6.47
C PHE A 166 -4.22 -9.26 -7.84
N SER A 167 -4.19 -10.56 -8.07
CA SER A 167 -4.63 -11.06 -9.35
C SER A 167 -5.43 -12.32 -9.10
N VAL A 168 -6.33 -12.61 -10.03
CA VAL A 168 -7.16 -13.80 -9.92
C VAL A 168 -7.08 -14.50 -11.27
N ILE A 169 -6.74 -15.78 -11.23
CA ILE A 169 -6.65 -16.54 -12.47
C ILE A 169 -7.37 -17.87 -12.31
N ALA A 170 -7.82 -18.43 -13.42
CA ALA A 170 -8.47 -19.72 -13.38
C ALA A 170 -7.33 -20.67 -12.98
N ASP A 171 -7.63 -21.65 -12.13
CA ASP A 171 -6.62 -22.58 -11.70
C ASP A 171 -6.32 -23.61 -12.80
N PRO A 172 -5.11 -23.56 -13.38
CA PRO A 172 -4.75 -24.49 -14.45
C PRO A 172 -4.68 -25.95 -14.01
N ARG A 173 -4.74 -26.19 -12.70
CA ARG A 173 -4.69 -27.55 -12.18
C ARG A 173 -6.09 -28.14 -12.18
N GLY A 174 -7.07 -27.31 -12.50
CA GLY A 174 -8.43 -27.79 -12.52
C GLY A 174 -9.02 -27.87 -11.12
N ASN A 175 -10.12 -28.59 -11.00
CA ASN A 175 -10.79 -28.75 -9.71
C ASN A 175 -10.13 -29.82 -8.84
N THR A 176 -9.17 -29.41 -8.02
CA THR A 176 -8.49 -30.36 -7.16
C THR A 176 -9.02 -30.32 -5.72
N LEU A 177 -9.70 -29.23 -5.38
CA LEU A 177 -10.25 -29.09 -4.03
C LEU A 177 -11.59 -29.79 -3.86
N GLY A 178 -12.37 -29.88 -4.94
CA GLY A 178 -13.68 -30.49 -4.85
C GLY A 178 -14.65 -29.40 -4.48
N ARG A 179 -14.33 -28.71 -3.39
CA ARG A 179 -15.11 -27.59 -2.87
C ARG A 179 -14.35 -27.13 -1.65
N GLY A 180 -14.23 -25.82 -1.48
CA GLY A 180 -13.51 -25.32 -0.32
C GLY A 180 -12.47 -24.29 -0.66
N THR A 181 -11.58 -24.05 0.29
CA THR A 181 -10.55 -23.04 0.11
C THR A 181 -9.23 -23.40 0.77
N THR A 182 -8.14 -23.08 0.09
CA THR A 182 -6.83 -23.29 0.67
C THR A 182 -6.17 -21.94 0.75
N ILE A 183 -5.73 -21.58 1.95
CA ILE A 183 -5.04 -20.33 2.17
C ILE A 183 -3.57 -20.72 2.22
N THR A 184 -2.78 -20.22 1.28
CA THR A 184 -1.36 -20.54 1.27
C THR A 184 -0.52 -19.32 1.61
N LEU A 185 0.32 -19.46 2.63
CA LEU A 185 1.15 -18.36 3.07
C LEU A 185 2.63 -18.58 2.77
N VAL A 186 3.22 -17.67 2.02
CA VAL A 186 4.65 -17.74 1.73
C VAL A 186 5.23 -16.95 2.90
N LEU A 187 5.66 -17.67 3.93
CA LEU A 187 6.18 -17.05 5.14
C LEU A 187 7.39 -16.15 5.01
N LYS A 188 7.33 -15.04 5.74
CA LYS A 188 8.44 -14.09 5.78
C LYS A 188 9.58 -14.85 6.42
N GLU A 189 10.80 -14.52 6.05
CA GLU A 189 11.95 -15.20 6.62
C GLU A 189 11.93 -15.26 8.14
N GLU A 190 11.57 -14.15 8.79
CA GLU A 190 11.52 -14.11 10.26
C GLU A 190 10.33 -14.84 10.86
N ALA A 191 9.48 -15.43 10.01
CA ALA A 191 8.30 -16.15 10.49
C ALA A 191 8.45 -17.66 10.24
N SER A 192 9.69 -18.08 10.02
CA SER A 192 10.00 -19.49 9.76
C SER A 192 9.56 -20.40 10.89
N ASP A 193 9.47 -19.87 12.10
CA ASP A 193 9.05 -20.68 13.24
C ASP A 193 7.69 -21.32 13.02
N TYR A 194 6.84 -20.67 12.22
CA TYR A 194 5.52 -21.20 11.96
C TYR A 194 5.53 -22.40 11.03
N LEU A 195 6.72 -22.77 10.57
CA LEU A 195 6.89 -23.93 9.70
C LEU A 195 7.16 -25.15 10.57
N GLU A 196 7.36 -24.90 11.87
CA GLU A 196 7.63 -25.96 12.83
C GLU A 196 6.35 -26.65 13.28
N LEU A 197 6.35 -27.98 13.25
CA LEU A 197 5.18 -28.75 13.65
C LEU A 197 4.71 -28.47 15.07
N ASP A 198 5.62 -28.58 16.04
CA ASP A 198 5.26 -28.34 17.43
C ASP A 198 4.63 -26.97 17.64
N THR A 199 5.13 -25.98 16.93
CA THR A 199 4.61 -24.63 17.03
C THR A 199 3.20 -24.55 16.48
N ILE A 200 3.01 -25.06 15.26
CA ILE A 200 1.69 -25.04 14.63
C ILE A 200 0.70 -25.85 15.46
N LYS A 201 1.13 -27.02 15.93
CA LYS A 201 0.25 -27.85 16.73
C LYS A 201 -0.21 -27.11 17.97
N ASN A 202 0.72 -26.46 18.67
N ASN A 202 0.73 -26.46 18.64
CA ASN A 202 0.36 -25.73 19.88
CA ASN A 202 0.44 -25.70 19.85
C ASN A 202 -0.65 -24.63 19.59
C ASN A 202 -0.61 -24.63 19.59
N LEU A 203 -0.41 -23.87 18.52
CA LEU A 203 -1.32 -22.79 18.15
C LEU A 203 -2.65 -23.36 17.66
N VAL A 204 -2.59 -24.29 16.72
CA VAL A 204 -3.80 -24.89 16.17
C VAL A 204 -4.68 -25.42 17.28
N LYS A 205 -4.08 -26.15 18.21
CA LYS A 205 -4.84 -26.73 19.32
C LYS A 205 -5.45 -25.65 20.21
N LYS A 206 -4.72 -24.55 20.37
CA LYS A 206 -5.19 -23.44 21.19
C LYS A 206 -6.34 -22.67 20.52
N TYR A 207 -6.25 -22.49 19.21
CA TYR A 207 -7.25 -21.74 18.46
C TYR A 207 -8.36 -22.61 17.88
N SER A 208 -8.21 -23.93 17.98
CA SER A 208 -9.20 -24.86 17.45
C SER A 208 -10.06 -25.45 18.55
N GLN A 209 -9.67 -25.23 19.79
CA GLN A 209 -10.37 -25.76 20.93
C GLN A 209 -11.89 -25.61 20.87
N PHE A 210 -12.37 -24.45 20.39
CA PHE A 210 -13.80 -24.22 20.32
C PHE A 210 -14.39 -24.14 18.92
N ILE A 211 -13.81 -24.89 18.00
CA ILE A 211 -14.32 -24.90 16.62
C ILE A 211 -15.18 -26.15 16.49
N ASN A 212 -16.39 -25.99 15.99
CA ASN A 212 -17.33 -27.10 15.83
C ASN A 212 -17.02 -28.04 14.66
N PHE A 213 -15.83 -27.92 14.10
CA PHE A 213 -15.45 -28.79 13.00
C PHE A 213 -14.08 -29.41 13.31
N PRO A 214 -13.87 -30.66 12.88
CA PRO A 214 -12.58 -31.30 13.16
C PRO A 214 -11.44 -30.56 12.44
N ILE A 215 -10.38 -30.28 13.18
CA ILE A 215 -9.24 -29.58 12.65
C ILE A 215 -7.98 -30.46 12.73
N TYR A 216 -7.39 -30.76 11.59
CA TYR A 216 -6.22 -31.62 11.52
C TYR A 216 -4.94 -30.91 11.09
N VAL A 217 -3.81 -31.44 11.56
CA VAL A 217 -2.50 -30.93 11.19
C VAL A 217 -1.74 -32.13 10.63
N TRP A 218 -1.21 -31.99 9.42
CA TRP A 218 -0.45 -33.06 8.80
C TRP A 218 0.85 -33.24 9.57
N SER A 219 0.91 -34.26 10.41
CA SER A 219 2.10 -34.49 11.23
C SER A 219 2.75 -35.85 11.10
N SER A 220 3.95 -35.95 11.66
CA SER A 220 4.73 -37.18 11.63
C SER A 220 4.67 -37.94 12.97
N LYS A 221 4.85 -39.24 12.90
CA LYS A 221 4.82 -40.11 14.07
C LYS A 221 5.87 -41.22 13.89
N THR A 222 6.44 -41.65 15.02
CA THR A 222 7.46 -42.70 15.00
C THR A 222 6.88 -43.97 15.63
N LYS A 227 9.56 -46.60 11.83
CA LYS A 227 10.14 -45.46 11.11
C LYS A 227 9.32 -44.19 11.35
N THR A 228 9.36 -43.29 10.38
CA THR A 228 8.62 -42.03 10.47
C THR A 228 7.52 -41.98 9.42
N VAL A 229 6.28 -41.93 9.90
CA VAL A 229 5.12 -41.86 9.01
C VAL A 229 4.40 -40.53 9.15
N TRP A 230 3.76 -40.08 8.07
CA TRP A 230 3.02 -38.83 8.08
C TRP A 230 1.54 -39.09 7.86
N ASP A 231 0.70 -38.40 8.62
CA ASP A 231 -0.74 -38.56 8.51
C ASP A 231 -1.46 -37.46 9.27
N TRP A 232 -2.74 -37.27 8.98
CA TRP A 232 -3.53 -36.24 9.64
C TRP A 232 -3.66 -36.52 11.13
N GLU A 233 -3.44 -35.50 11.95
CA GLU A 233 -3.56 -35.65 13.39
C GLU A 233 -4.63 -34.67 13.89
N LEU A 234 -5.67 -35.21 14.53
CA LEU A 234 -6.76 -34.38 15.05
C LEU A 234 -6.26 -33.49 16.18
N MET A 235 -6.58 -32.20 16.10
CA MET A 235 -6.14 -31.23 17.11
C MET A 235 -7.22 -30.77 18.07
N ASN A 236 -8.47 -31.09 17.78
CA ASN A 236 -9.55 -30.66 18.65
C ASN A 236 -10.63 -31.73 18.81
N GLY B 1 -23.83 16.37 -15.02
CA GLY B 1 -23.71 17.55 -14.11
C GLY B 1 -22.80 17.27 -12.92
N SER B 2 -23.14 16.23 -12.15
CA SER B 2 -22.36 15.85 -10.98
C SER B 2 -21.89 14.41 -11.14
N HIS B 3 -21.89 13.93 -12.37
CA HIS B 3 -21.47 12.57 -12.68
C HIS B 3 -20.03 12.29 -12.24
N MET B 4 -19.12 13.18 -12.57
CA MET B 4 -17.71 13.01 -12.21
C MET B 4 -17.57 12.69 -10.72
N LEU B 5 -18.29 13.43 -9.89
CA LEU B 5 -18.26 13.21 -8.44
C LEU B 5 -19.06 11.98 -8.05
N ARG B 6 -20.14 11.72 -8.79
CA ARG B 6 -20.99 10.56 -8.51
C ARG B 6 -20.32 9.24 -8.85
N GLU B 7 -19.69 9.17 -10.01
CA GLU B 7 -19.00 7.95 -10.45
C GLU B 7 -17.62 7.82 -9.81
N LYS B 8 -17.05 8.95 -9.37
CA LYS B 8 -15.73 8.97 -8.73
C LYS B 8 -14.61 8.70 -9.73
N SER B 9 -14.72 9.27 -10.93
CA SER B 9 -13.72 9.09 -11.98
C SER B 9 -12.49 9.94 -11.67
N GLU B 10 -12.51 10.60 -10.52
CA GLU B 10 -11.41 11.46 -10.08
C GLU B 10 -10.47 10.67 -9.17
N LYS B 11 -10.90 9.48 -8.78
CA LYS B 11 -10.12 8.62 -7.89
C LYS B 11 -9.34 7.57 -8.68
N PHE B 12 -8.07 7.38 -8.30
CA PHE B 12 -7.22 6.40 -8.98
C PHE B 12 -6.46 5.56 -7.97
N ALA B 13 -5.91 4.44 -8.44
CA ALA B 13 -5.14 3.56 -7.59
C ALA B 13 -3.73 3.58 -8.13
N PHE B 14 -2.74 3.44 -7.25
CA PHE B 14 -1.36 3.43 -7.68
C PHE B 14 -1.05 2.13 -8.40
N GLN B 15 -0.10 2.21 -9.33
CA GLN B 15 0.36 1.04 -10.07
C GLN B 15 1.06 0.21 -8.99
N ALA B 16 1.01 -1.11 -9.13
CA ALA B 16 1.63 -1.98 -8.15
C ALA B 16 3.09 -1.61 -7.85
N GLU B 17 3.90 -1.46 -8.88
CA GLU B 17 5.30 -1.10 -8.68
C GLU B 17 5.51 0.16 -7.86
N VAL B 18 4.60 1.13 -7.97
CA VAL B 18 4.74 2.36 -7.19
C VAL B 18 4.46 2.10 -5.71
N ASN B 19 3.50 1.23 -5.42
CA ASN B 19 3.22 0.90 -4.02
C ASN B 19 4.48 0.28 -3.43
N ARG B 20 5.08 -0.63 -4.19
CA ARG B 20 6.29 -1.28 -3.72
C ARG B 20 7.39 -0.23 -3.52
N MET B 21 7.56 0.61 -4.53
N MET B 21 7.56 0.61 -4.53
CA MET B 21 8.58 1.65 -4.48
CA MET B 21 8.57 1.66 -4.50
C MET B 21 8.44 2.50 -3.23
C MET B 21 8.43 2.54 -3.26
N MET B 22 7.21 2.94 -2.95
CA MET B 22 6.96 3.77 -1.79
C MET B 22 7.41 3.08 -0.52
N LYS B 23 7.05 1.82 -0.36
CA LYS B 23 7.42 1.05 0.82
C LYS B 23 8.94 0.95 0.93
N LEU B 24 9.60 0.60 -0.16
CA LEU B 24 11.05 0.48 -0.14
C LEU B 24 11.71 1.79 0.30
N ILE B 25 11.23 2.92 -0.24
CA ILE B 25 11.79 4.22 0.12
C ILE B 25 11.60 4.52 1.60
N ILE B 26 10.39 4.35 2.10
CA ILE B 26 10.10 4.60 3.49
C ILE B 26 10.85 3.66 4.43
N ASN B 27 10.98 2.40 4.06
CA ASN B 27 11.66 1.43 4.90
C ASN B 27 13.16 1.56 4.93
N SER B 28 13.74 2.26 3.96
CA SER B 28 15.18 2.40 3.91
C SER B 28 15.73 3.80 4.22
N LEU B 29 14.85 4.78 4.39
CA LEU B 29 15.32 6.13 4.68
C LEU B 29 14.76 6.67 6.00
N TYR B 30 14.08 5.81 6.74
CA TYR B 30 13.47 6.21 8.00
C TYR B 30 14.47 6.80 9.00
N LYS B 31 15.75 6.61 8.76
CA LYS B 31 16.77 7.14 9.67
C LYS B 31 17.38 8.43 9.15
N ASN B 32 17.04 8.77 7.91
CA ASN B 32 17.56 9.98 7.28
C ASN B 32 16.38 10.66 6.57
N LYS B 33 15.29 10.83 7.31
CA LYS B 33 14.07 11.44 6.79
C LYS B 33 14.18 12.81 6.13
N GLU B 34 15.09 13.64 6.63
CA GLU B 34 15.24 14.98 6.08
C GLU B 34 15.53 15.04 4.58
N ILE B 35 15.96 13.93 4.01
N ILE B 35 15.98 13.94 4.00
CA ILE B 35 16.26 13.85 2.58
CA ILE B 35 16.29 13.96 2.57
C ILE B 35 15.05 14.24 1.73
C ILE B 35 15.05 14.27 1.72
N PHE B 36 13.86 14.13 2.31
CA PHE B 36 12.63 14.44 1.58
C PHE B 36 12.70 15.87 1.04
N LEU B 37 13.21 16.78 1.86
CA LEU B 37 13.30 18.18 1.48
C LEU B 37 14.30 18.34 0.34
N ARG B 38 15.40 17.58 0.40
CA ARG B 38 16.41 17.65 -0.64
C ARG B 38 15.77 17.24 -1.95
N GLU B 39 15.05 16.11 -1.93
CA GLU B 39 14.39 15.60 -3.12
C GLU B 39 13.35 16.56 -3.68
N LEU B 40 12.60 17.23 -2.82
CA LEU B 40 11.58 18.17 -3.27
C LEU B 40 12.23 19.39 -3.92
N ILE B 41 13.31 19.89 -3.32
CA ILE B 41 14.01 21.03 -3.87
C ILE B 41 14.63 20.61 -5.20
N SER B 42 15.06 19.36 -5.25
CA SER B 42 15.68 18.80 -6.45
C SER B 42 14.66 18.75 -7.59
N ASN B 43 13.46 18.26 -7.30
CA ASN B 43 12.43 18.19 -8.33
C ASN B 43 12.03 19.61 -8.75
N ALA B 44 11.97 20.51 -7.78
CA ALA B 44 11.60 21.89 -8.08
C ALA B 44 12.61 22.45 -9.10
N SER B 45 13.89 22.13 -8.90
CA SER B 45 14.94 22.60 -9.80
C SER B 45 14.78 22.02 -11.21
N ASP B 46 14.49 20.73 -11.29
CA ASP B 46 14.30 20.08 -12.58
C ASP B 46 13.12 20.72 -13.33
N ALA B 47 12.04 21.00 -12.59
CA ALA B 47 10.86 21.61 -13.16
C ALA B 47 11.20 22.95 -13.77
N LEU B 48 12.08 23.69 -13.09
CA LEU B 48 12.51 24.99 -13.56
C LEU B 48 13.39 24.85 -14.80
N ASP B 49 14.26 23.84 -14.82
CA ASP B 49 15.11 23.64 -15.99
C ASP B 49 14.25 23.31 -17.18
N LYS B 50 13.15 22.62 -16.94
CA LYS B 50 12.27 22.24 -18.03
C LYS B 50 11.61 23.44 -18.71
N ILE B 51 11.05 24.35 -17.93
CA ILE B 51 10.41 25.52 -18.54
C ILE B 51 11.46 26.40 -19.21
N ARG B 52 12.64 26.47 -18.59
CA ARG B 52 13.73 27.27 -19.14
C ARG B 52 14.06 26.75 -20.53
N LEU B 53 14.11 25.42 -20.67
CA LEU B 53 14.40 24.78 -21.94
C LEU B 53 13.29 25.09 -22.94
N ILE B 54 12.04 24.97 -22.49
CA ILE B 54 10.91 25.24 -23.37
C ILE B 54 10.93 26.72 -23.78
N SER B 55 11.42 27.59 -22.91
CA SER B 55 11.47 29.01 -23.23
C SER B 55 12.50 29.34 -24.32
N LEU B 56 13.33 28.36 -24.68
CA LEU B 56 14.34 28.58 -25.73
C LEU B 56 13.65 28.59 -27.08
N THR B 57 12.63 27.74 -27.20
CA THR B 57 11.89 27.62 -28.46
C THR B 57 10.48 28.22 -28.40
N ASP B 58 9.91 28.34 -27.21
CA ASP B 58 8.56 28.88 -27.04
C ASP B 58 8.61 30.28 -26.43
N GLU B 59 8.28 31.28 -27.23
CA GLU B 59 8.31 32.68 -26.77
C GLU B 59 7.27 32.98 -25.68
N ASN B 60 6.20 32.20 -25.64
CA ASN B 60 5.14 32.41 -24.66
C ASN B 60 5.29 31.58 -23.38
N ALA B 61 6.38 30.84 -23.29
CA ALA B 61 6.63 29.96 -22.15
C ALA B 61 6.49 30.59 -20.76
N LEU B 62 7.09 31.74 -20.54
CA LEU B 62 7.03 32.36 -19.22
C LEU B 62 5.89 33.36 -18.96
N ALA B 63 4.94 33.44 -19.89
CA ALA B 63 3.81 34.36 -19.77
C ALA B 63 3.00 34.26 -18.48
N GLY B 64 2.67 33.03 -18.06
CA GLY B 64 1.88 32.84 -16.86
C GLY B 64 2.54 33.24 -15.56
N ASN B 65 3.85 33.45 -15.60
CA ASN B 65 4.63 33.81 -14.43
C ASN B 65 6.06 34.01 -14.92
N GLU B 66 6.55 35.24 -14.84
CA GLU B 66 7.89 35.54 -15.33
C GLU B 66 9.08 35.08 -14.47
N GLU B 67 8.86 34.90 -13.18
CA GLU B 67 9.93 34.47 -12.28
C GLU B 67 10.21 32.97 -12.36
N LEU B 68 11.44 32.61 -12.04
CA LEU B 68 11.88 31.20 -12.02
C LEU B 68 12.45 31.01 -10.63
N THR B 69 11.58 30.64 -9.69
CA THR B 69 12.00 30.50 -8.30
C THR B 69 11.40 29.31 -7.57
N VAL B 70 11.90 29.10 -6.35
CA VAL B 70 11.41 28.05 -5.47
C VAL B 70 11.12 28.79 -4.16
N LYS B 71 9.86 28.73 -3.71
CA LYS B 71 9.46 29.40 -2.49
C LYS B 71 8.88 28.41 -1.47
N ILE B 72 9.54 28.32 -0.31
CA ILE B 72 9.16 27.40 0.76
C ILE B 72 8.51 28.12 1.92
N LYS B 73 7.39 27.58 2.37
CA LYS B 73 6.62 28.19 3.45
C LYS B 73 6.13 27.20 4.51
N CYS B 74 6.27 27.60 5.76
CA CYS B 74 5.82 26.79 6.90
C CYS B 74 4.52 27.36 7.42
N ASP B 75 3.61 26.49 7.82
CA ASP B 75 2.33 26.90 8.37
C ASP B 75 2.11 26.00 9.58
N LYS B 76 2.80 26.32 10.68
CA LYS B 76 2.72 25.53 11.89
C LYS B 76 1.29 25.27 12.37
N GLU B 77 0.50 26.34 12.51
CA GLU B 77 -0.88 26.22 12.95
C GLU B 77 -1.68 25.20 12.16
N LYS B 78 -1.40 25.09 10.86
CA LYS B 78 -2.12 24.13 10.01
C LYS B 78 -1.36 22.82 9.79
N ASN B 79 -0.16 22.72 10.35
CA ASN B 79 0.66 21.52 10.22
C ASN B 79 0.99 21.24 8.75
N LEU B 80 1.27 22.29 8.00
CA LEU B 80 1.57 22.14 6.59
C LEU B 80 2.93 22.71 6.21
N LEU B 81 3.51 22.12 5.17
CA LEU B 81 4.78 22.57 4.63
C LEU B 81 4.55 22.69 3.13
N HIS B 82 4.83 23.87 2.58
CA HIS B 82 4.64 24.12 1.14
C HIS B 82 5.98 24.36 0.46
N VAL B 83 6.13 23.78 -0.73
CA VAL B 83 7.32 23.95 -1.56
C VAL B 83 6.78 24.31 -2.95
N THR B 84 6.92 25.57 -3.32
CA THR B 84 6.40 26.03 -4.59
C THR B 84 7.46 26.44 -5.61
N ASP B 85 7.30 25.98 -6.84
CA ASP B 85 8.22 26.34 -7.91
C ASP B 85 7.41 26.93 -9.06
N THR B 86 8.05 27.80 -9.83
CA THR B 86 7.38 28.40 -10.99
C THR B 86 7.93 27.72 -12.23
N GLY B 87 8.16 26.43 -12.10
CA GLY B 87 8.67 25.65 -13.22
C GLY B 87 7.62 25.39 -14.27
N VAL B 88 7.79 24.32 -15.04
CA VAL B 88 6.91 23.92 -16.12
C VAL B 88 5.51 23.44 -15.71
N GLY B 89 5.36 23.00 -14.46
CA GLY B 89 4.05 22.55 -14.01
C GLY B 89 3.64 21.23 -14.68
N MET B 90 2.45 20.75 -14.32
N MET B 90 2.45 20.74 -14.34
CA MET B 90 1.95 19.50 -14.90
CA MET B 90 1.95 19.49 -14.89
C MET B 90 0.49 19.60 -15.28
C MET B 90 0.48 19.60 -15.28
N THR B 91 0.14 18.98 -16.41
CA THR B 91 -1.24 18.99 -16.89
C THR B 91 -1.98 17.95 -16.06
N ARG B 92 -3.30 17.92 -16.17
CA ARG B 92 -4.07 16.94 -15.42
C ARG B 92 -3.60 15.52 -15.77
N GLU B 93 -3.43 15.26 -17.06
CA GLU B 93 -2.99 13.93 -17.52
C GLU B 93 -1.64 13.57 -16.94
N GLU B 94 -0.74 14.54 -16.84
CA GLU B 94 0.58 14.29 -16.30
C GLU B 94 0.53 13.99 -14.80
N LEU B 95 -0.38 14.65 -14.08
CA LEU B 95 -0.51 14.37 -12.66
C LEU B 95 -0.91 12.90 -12.49
N VAL B 96 -1.84 12.44 -13.31
CA VAL B 96 -2.31 11.06 -13.23
C VAL B 96 -1.25 10.02 -13.60
N LYS B 97 -0.63 10.19 -14.76
CA LYS B 97 0.37 9.24 -15.24
C LYS B 97 1.74 9.33 -14.56
N ASN B 98 2.25 10.53 -14.39
CA ASN B 98 3.57 10.73 -13.80
C ASN B 98 3.68 10.43 -12.32
N LEU B 99 2.60 10.57 -11.56
CA LEU B 99 2.68 10.30 -10.14
C LEU B 99 2.02 8.99 -9.71
N GLY B 100 1.16 8.44 -10.56
CA GLY B 100 0.48 7.20 -10.22
C GLY B 100 1.08 5.94 -10.83
N THR B 101 1.97 6.12 -11.80
CA THR B 101 2.62 4.99 -12.45
C THR B 101 4.10 5.26 -12.59
N ILE B 102 4.82 4.27 -13.11
CA ILE B 102 6.26 4.39 -13.29
C ILE B 102 6.69 3.49 -14.45
N ALA B 103 7.72 3.92 -15.16
CA ALA B 103 8.25 3.15 -16.28
C ALA B 103 9.75 3.36 -16.35
N LYS B 104 10.16 4.40 -17.07
CA LYS B 104 11.57 4.73 -17.22
C LYS B 104 12.40 3.49 -17.57
N SER B 105 11.74 2.50 -18.16
CA SER B 105 12.38 1.25 -18.56
C SER B 105 13.51 0.84 -17.61
N GLY B 106 13.28 1.02 -16.32
CA GLY B 106 14.29 0.66 -15.34
C GLY B 106 13.73 0.45 -13.95
N THR B 107 12.41 0.35 -13.86
CA THR B 107 11.74 0.16 -12.57
C THR B 107 12.06 -1.20 -11.96
N SER B 108 12.07 -2.22 -12.80
CA SER B 108 12.35 -3.59 -12.37
C SER B 108 13.69 -3.68 -11.64
N GLU B 109 14.76 -3.33 -12.34
CA GLU B 109 16.10 -3.38 -11.77
C GLU B 109 16.26 -2.49 -10.54
N PHE B 110 15.63 -1.31 -10.57
CA PHE B 110 15.73 -0.38 -9.46
C PHE B 110 15.15 -0.95 -8.17
N LEU B 111 13.97 -1.57 -8.27
CA LEU B 111 13.33 -2.17 -7.11
C LEU B 111 14.22 -3.29 -6.57
N ASN B 112 15.05 -3.84 -7.46
CA ASN B 112 15.98 -4.91 -7.08
C ASN B 112 17.15 -4.29 -6.34
N LYS B 113 17.68 -3.19 -6.89
CA LYS B 113 18.81 -2.50 -6.26
C LYS B 113 18.40 -1.92 -4.92
N MET B 114 17.16 -1.45 -4.81
CA MET B 114 16.67 -0.88 -3.55
C MET B 114 16.66 -1.98 -2.49
N THR B 115 16.08 -3.13 -2.84
CA THR B 115 16.00 -4.26 -1.93
C THR B 115 17.41 -4.75 -1.61
N GLU B 116 18.23 -4.88 -2.65
CA GLU B 116 19.61 -5.32 -2.49
C GLU B 116 20.34 -4.36 -1.57
N ALA B 117 19.93 -3.10 -1.59
CA ALA B 117 20.54 -2.08 -0.75
C ALA B 117 20.13 -2.30 0.70
N GLN B 118 18.94 -2.86 0.91
CA GLN B 118 18.46 -3.13 2.25
C GLN B 118 19.06 -4.43 2.79
N GLU B 119 19.29 -5.38 1.89
CA GLU B 119 19.86 -6.66 2.28
C GLU B 119 21.34 -6.46 2.64
N ASP B 120 22.05 -5.74 1.79
CA ASP B 120 23.47 -5.46 2.01
C ASP B 120 23.64 -4.19 2.84
N GLY B 121 22.54 -3.74 3.45
CA GLY B 121 22.56 -2.55 4.27
C GLY B 121 23.29 -1.36 3.67
N GLN B 122 23.03 -1.09 2.40
CA GLN B 122 23.66 0.03 1.69
C GLN B 122 22.81 1.29 1.78
N SER B 123 23.27 2.36 1.13
CA SER B 123 22.54 3.63 1.14
C SER B 123 21.67 3.73 -0.10
N THR B 124 20.40 4.07 0.11
CA THR B 124 19.44 4.20 -0.98
C THR B 124 19.14 5.65 -1.37
N SER B 125 19.60 6.59 -0.55
CA SER B 125 19.36 8.01 -0.80
C SER B 125 19.90 8.44 -2.16
N GLU B 126 21.01 7.87 -2.58
CA GLU B 126 21.61 8.20 -3.86
C GLU B 126 20.81 7.58 -5.01
N LEU B 127 20.45 6.30 -4.84
CA LEU B 127 19.68 5.58 -5.84
C LEU B 127 18.40 6.33 -6.18
N ILE B 128 17.63 6.66 -5.15
CA ILE B 128 16.38 7.37 -5.32
C ILE B 128 16.48 8.54 -6.29
N GLY B 129 17.40 9.45 -6.03
CA GLY B 129 17.57 10.58 -6.92
C GLY B 129 17.95 10.09 -8.30
N GLN B 130 18.90 9.17 -8.36
CA GLN B 130 19.36 8.61 -9.62
C GLN B 130 18.21 8.13 -10.51
N PHE B 131 17.30 7.35 -9.94
CA PHE B 131 16.17 6.83 -10.70
C PHE B 131 15.05 7.84 -10.87
N GLY B 132 15.13 8.95 -10.14
CA GLY B 132 14.11 9.99 -10.26
C GLY B 132 12.78 9.71 -9.59
N VAL B 133 12.81 9.13 -8.40
CA VAL B 133 11.59 8.82 -7.67
C VAL B 133 11.61 9.48 -6.29
N GLY B 134 12.40 10.54 -6.16
CA GLY B 134 12.52 11.24 -4.90
C GLY B 134 11.23 11.82 -4.35
N PHE B 135 10.28 12.08 -5.24
CA PHE B 135 8.98 12.63 -4.85
C PHE B 135 8.35 11.81 -3.73
N TYR B 136 8.39 10.49 -3.88
CA TYR B 136 7.79 9.60 -2.89
C TYR B 136 8.37 9.65 -1.49
N SER B 137 9.58 10.20 -1.34
CA SER B 137 10.20 10.30 -0.01
C SER B 137 9.39 11.27 0.86
N ALA B 138 8.45 11.98 0.24
CA ALA B 138 7.64 12.93 0.99
C ALA B 138 6.79 12.18 2.02
N PHE B 139 6.43 10.94 1.70
CA PHE B 139 5.63 10.15 2.61
C PHE B 139 6.39 9.74 3.87
N LEU B 140 7.70 9.99 3.86
CA LEU B 140 8.53 9.70 5.02
C LEU B 140 8.07 10.60 6.17
N VAL B 141 7.68 11.82 5.84
CA VAL B 141 7.27 12.78 6.86
C VAL B 141 5.84 13.29 6.74
N ALA B 142 5.08 12.77 5.78
CA ALA B 142 3.72 13.26 5.61
C ALA B 142 2.63 12.20 5.53
N ASP B 143 1.53 12.47 6.21
CA ASP B 143 0.40 11.57 6.17
C ASP B 143 -0.34 11.80 4.87
N LYS B 144 -0.20 13.02 4.34
CA LYS B 144 -0.86 13.39 3.09
C LYS B 144 0.03 14.28 2.23
N VAL B 145 0.03 14.02 0.93
CA VAL B 145 0.80 14.81 0.00
C VAL B 145 -0.15 15.39 -1.02
N ILE B 146 -0.08 16.70 -1.20
CA ILE B 146 -0.94 17.39 -2.14
C ILE B 146 -0.09 18.08 -3.19
N VAL B 147 -0.47 17.91 -4.45
CA VAL B 147 0.26 18.51 -5.57
C VAL B 147 -0.64 19.41 -6.40
N THR B 148 -0.51 20.71 -6.21
CA THR B 148 -1.28 21.68 -6.97
C THR B 148 -0.40 22.15 -8.12
N SER B 149 -0.86 22.02 -9.35
CA SER B 149 -0.02 22.41 -10.47
C SER B 149 -0.74 23.09 -11.62
N LYS B 150 -0.06 24.06 -12.22
CA LYS B 150 -0.60 24.81 -13.35
C LYS B 150 0.42 24.80 -14.48
N HIS B 151 0.07 24.09 -15.55
CA HIS B 151 0.93 23.98 -16.74
C HIS B 151 0.31 24.89 -17.81
N ASN B 152 1.16 25.46 -18.66
CA ASN B 152 0.69 26.35 -19.71
C ASN B 152 -0.41 25.78 -20.60
N ASN B 153 -0.38 24.47 -20.85
CA ASN B 153 -1.39 23.86 -21.72
C ASN B 153 -2.63 23.29 -21.04
N ASP B 154 -2.86 23.66 -19.79
CA ASP B 154 -4.04 23.14 -19.09
C ASP B 154 -4.43 24.08 -17.96
N THR B 155 -5.52 23.76 -17.26
CA THR B 155 -5.97 24.56 -16.14
C THR B 155 -5.36 23.98 -14.87
N GLN B 156 -5.44 24.74 -13.78
CA GLN B 156 -4.87 24.29 -12.51
C GLN B 156 -5.61 23.09 -11.94
N HIS B 157 -4.86 22.07 -11.51
CA HIS B 157 -5.43 20.86 -10.93
C HIS B 157 -4.79 20.52 -9.60
N ILE B 158 -5.45 19.66 -8.83
CA ILE B 158 -4.95 19.25 -7.53
C ILE B 158 -4.87 17.74 -7.44
N TRP B 159 -3.69 17.25 -7.09
CA TRP B 159 -3.45 15.82 -6.91
C TRP B 159 -3.29 15.66 -5.40
N GLU B 160 -3.89 14.62 -4.83
CA GLU B 160 -3.77 14.42 -3.39
C GLU B 160 -3.73 12.93 -3.07
N SER B 161 -2.98 12.57 -2.05
CA SER B 161 -2.87 11.17 -1.69
C SER B 161 -2.35 10.92 -0.28
N ASP B 162 -2.89 9.89 0.36
CA ASP B 162 -2.44 9.47 1.69
C ASP B 162 -1.62 8.20 1.48
N SER B 163 -1.29 7.94 0.21
CA SER B 163 -0.52 6.78 -0.26
C SER B 163 -1.33 5.50 -0.46
N ASN B 164 -2.62 5.53 -0.13
CA ASN B 164 -3.47 4.35 -0.28
C ASN B 164 -4.31 4.42 -1.55
N GLU B 165 -4.22 5.57 -2.21
CA GLU B 165 -4.93 5.86 -3.44
C GLU B 165 -4.61 7.32 -3.71
N PHE B 166 -5.12 7.85 -4.81
CA PHE B 166 -4.90 9.26 -5.10
C PHE B 166 -6.03 9.76 -5.97
N SER B 167 -6.26 11.07 -5.94
CA SER B 167 -7.31 11.65 -6.76
C SER B 167 -6.81 12.94 -7.36
N VAL B 168 -7.39 13.30 -8.49
CA VAL B 168 -7.05 14.51 -9.21
C VAL B 168 -8.35 15.23 -9.54
N ILE B 169 -8.44 16.48 -9.13
CA ILE B 169 -9.65 17.27 -9.39
C ILE B 169 -9.25 18.63 -9.91
N ALA B 170 -10.18 19.30 -10.59
CA ALA B 170 -9.93 20.64 -11.10
C ALA B 170 -9.88 21.53 -9.85
N ASP B 171 -8.94 22.47 -9.82
CA ASP B 171 -8.80 23.36 -8.68
C ASP B 171 -9.92 24.41 -8.70
N PRO B 172 -10.90 24.28 -7.78
CA PRO B 172 -12.01 25.22 -7.72
C PRO B 172 -11.57 26.66 -7.43
N ARG B 173 -10.28 26.83 -7.16
CA ARG B 173 -9.74 28.16 -6.89
C ARG B 173 -9.29 28.83 -8.18
N GLY B 174 -9.28 28.08 -9.27
CA GLY B 174 -8.85 28.63 -10.53
C GLY B 174 -7.34 28.63 -10.66
N ASN B 175 -6.82 29.50 -11.51
CA ASN B 175 -5.39 29.60 -11.73
C ASN B 175 -4.79 30.60 -10.74
N THR B 176 -4.24 30.09 -9.64
CA THR B 176 -3.64 30.94 -8.63
C THR B 176 -2.11 30.89 -8.71
N LEU B 177 -1.59 29.85 -9.33
CA LEU B 177 -0.15 29.68 -9.46
C LEU B 177 0.47 30.47 -10.61
N GLY B 178 -0.28 30.65 -11.69
CA GLY B 178 0.24 31.35 -12.85
C GLY B 178 0.85 30.29 -13.73
N ARG B 179 1.84 29.61 -13.18
CA ARG B 179 2.53 28.50 -13.83
C ARG B 179 3.37 27.89 -12.73
N GLY B 180 3.37 26.56 -12.65
CA GLY B 180 4.19 25.95 -11.63
C GLY B 180 3.54 24.87 -10.78
N THR B 181 4.16 24.62 -9.64
CA THR B 181 3.70 23.57 -8.76
C THR B 181 3.92 23.85 -7.29
N THR B 182 2.96 23.44 -6.48
CA THR B 182 3.08 23.57 -5.04
C THR B 182 2.91 22.18 -4.46
N ILE B 183 3.94 21.72 -3.75
CA ILE B 183 3.88 20.42 -3.10
C ILE B 183 3.52 20.78 -1.68
N THR B 184 2.37 20.33 -1.21
CA THR B 184 1.96 20.62 0.17
C THR B 184 1.96 19.35 0.98
N LEU B 185 2.60 19.40 2.14
CA LEU B 185 2.72 18.23 3.00
C LEU B 185 1.97 18.39 4.32
N VAL B 186 1.07 17.45 4.58
CA VAL B 186 0.33 17.42 5.83
C VAL B 186 1.24 16.52 6.68
N LEU B 187 2.08 17.16 7.50
CA LEU B 187 3.05 16.46 8.32
C LEU B 187 2.58 15.45 9.36
N LYS B 188 3.31 14.34 9.43
CA LYS B 188 3.02 13.29 10.40
C LYS B 188 3.27 13.96 11.75
N GLU B 189 2.70 13.42 12.82
CA GLU B 189 2.91 14.03 14.12
C GLU B 189 4.37 13.96 14.57
N GLU B 190 5.11 12.97 14.07
CA GLU B 190 6.52 12.84 14.44
C GLU B 190 7.45 13.68 13.53
N ALA B 191 6.86 14.47 12.65
CA ALA B 191 7.63 15.32 11.74
C ALA B 191 7.37 16.80 12.02
N SER B 192 6.86 17.07 13.21
CA SER B 192 6.53 18.43 13.66
C SER B 192 7.71 19.40 13.57
N ASP B 193 8.92 18.88 13.78
CA ASP B 193 10.11 19.72 13.74
C ASP B 193 10.30 20.44 12.41
N TYR B 194 9.78 19.86 11.33
CA TYR B 194 9.92 20.48 10.03
C TYR B 194 9.03 21.70 9.86
N LEU B 195 8.39 22.12 10.96
CA LEU B 195 7.51 23.29 10.93
C LEU B 195 8.25 24.48 11.56
N GLU B 196 9.42 24.21 12.13
CA GLU B 196 10.22 25.26 12.78
C GLU B 196 11.17 25.94 11.79
N LEU B 197 10.97 27.24 11.62
CA LEU B 197 11.77 28.05 10.71
C LEU B 197 13.27 27.82 10.70
N ASP B 198 13.88 27.77 11.89
CA ASP B 198 15.33 27.59 11.96
C ASP B 198 15.81 26.23 11.45
N THR B 199 14.96 25.22 11.58
CA THR B 199 15.32 23.88 11.11
C THR B 199 15.18 23.88 9.58
N ILE B 200 14.07 24.43 9.09
CA ILE B 200 13.82 24.48 7.66
C ILE B 200 14.84 25.33 6.94
N LYS B 201 15.16 26.50 7.50
CA LYS B 201 16.15 27.38 6.87
C LYS B 201 17.47 26.64 6.78
N ASN B 202 17.87 26.02 7.88
N ASN B 202 17.89 26.03 7.88
CA ASN B 202 19.11 25.27 7.95
CA ASN B 202 19.15 25.29 7.91
C ASN B 202 19.16 24.18 6.88
C ASN B 202 19.17 24.18 6.87
N LEU B 203 18.07 23.43 6.74
CA LEU B 203 18.00 22.36 5.76
C LEU B 203 17.91 22.87 4.32
N VAL B 204 17.11 23.90 4.10
CA VAL B 204 16.95 24.45 2.76
C VAL B 204 18.30 25.00 2.29
N LYS B 205 18.94 25.80 3.13
CA LYS B 205 20.23 26.38 2.79
C LYS B 205 21.21 25.30 2.39
N LYS B 206 21.23 24.20 3.14
CA LYS B 206 22.12 23.08 2.84
C LYS B 206 21.81 22.40 1.51
N TYR B 207 20.54 22.12 1.27
CA TYR B 207 20.14 21.43 0.03
C TYR B 207 19.97 22.35 -1.18
N SER B 208 20.14 23.65 -1.00
CA SER B 208 19.98 24.61 -2.09
C SER B 208 21.30 25.15 -2.67
N GLN B 209 22.40 24.87 -2.00
CA GLN B 209 23.71 25.35 -2.42
C GLN B 209 24.07 25.17 -3.89
N PHE B 210 23.78 24.02 -4.46
CA PHE B 210 24.11 23.79 -5.86
C PHE B 210 22.92 23.89 -6.81
N ILE B 211 21.87 24.57 -6.39
CA ILE B 211 20.69 24.76 -7.23
C ILE B 211 20.87 26.11 -7.93
N ASN B 212 20.71 26.13 -9.25
CA ASN B 212 20.90 27.35 -10.04
C ASN B 212 19.67 28.24 -10.12
N PHE B 213 18.80 28.16 -9.13
CA PHE B 213 17.60 28.99 -9.11
C PHE B 213 17.47 29.52 -7.69
N PRO B 214 17.11 30.80 -7.54
CA PRO B 214 16.98 31.35 -6.19
C PRO B 214 15.91 30.62 -5.38
N ILE B 215 16.27 30.21 -4.17
CA ILE B 215 15.36 29.51 -3.29
C ILE B 215 15.09 30.37 -2.05
N TYR B 216 13.81 30.63 -1.78
CA TYR B 216 13.37 31.47 -0.67
C TYR B 216 12.54 30.75 0.38
N VAL B 217 12.68 31.17 1.63
CA VAL B 217 11.91 30.61 2.73
C VAL B 217 11.19 31.79 3.36
N TRP B 218 9.87 31.66 3.53
CA TRP B 218 9.06 32.72 4.14
C TRP B 218 9.43 32.79 5.61
N SER B 219 10.18 33.83 5.99
CA SER B 219 10.61 33.97 7.37
C SER B 219 10.29 35.31 8.02
N SER B 220 10.52 35.38 9.32
CA SER B 220 10.26 36.58 10.10
C SER B 220 11.54 37.33 10.45
N LYS B 221 11.45 38.66 10.46
CA LYS B 221 12.58 39.51 10.79
C LYS B 221 12.08 40.57 11.77
N THR B 222 12.96 41.01 12.66
CA THR B 222 12.59 42.02 13.64
C THR B 222 13.26 43.36 13.35
N LYS B 227 9.49 46.17 14.58
CA LYS B 227 8.49 45.12 14.81
C LYS B 227 8.84 43.82 14.08
N THR B 228 7.87 42.91 14.04
CA THR B 228 8.05 41.62 13.39
C THR B 228 7.48 41.64 11.98
N VAL B 229 8.34 41.45 10.99
CA VAL B 229 7.89 41.47 9.60
C VAL B 229 8.22 40.17 8.87
N TRP B 230 7.25 39.65 8.13
CA TRP B 230 7.44 38.42 7.37
C TRP B 230 7.71 38.72 5.91
N ASP B 231 8.65 37.98 5.32
CA ASP B 231 9.01 38.19 3.92
C ASP B 231 9.91 37.05 3.41
N TRP B 232 10.12 37.01 2.09
CA TRP B 232 10.95 35.97 1.49
C TRP B 232 12.43 36.23 1.78
N GLU B 233 13.09 35.20 2.28
CA GLU B 233 14.51 35.28 2.60
C GLU B 233 15.30 34.35 1.68
N LEU B 234 16.27 34.90 0.96
CA LEU B 234 17.11 34.13 0.05
C LEU B 234 17.97 33.15 0.84
N MET B 235 18.02 31.89 0.38
CA MET B 235 18.76 30.85 1.07
C MET B 235 20.01 30.35 0.35
N ASN B 236 20.15 30.70 -0.93
CA ASN B 236 21.30 30.26 -1.72
C ASN B 236 21.76 31.39 -2.64
#